data_4C3Z
#
_entry.id   4C3Z
#
_cell.length_a   64.299
_cell.length_b   64.299
_cell.length_c   65.491
_cell.angle_alpha   90.00
_cell.angle_beta   90.00
_cell.angle_gamma   120.00
#
_symmetry.space_group_name_H-M   'P 31'
#
loop_
_entity.id
_entity.type
_entity.pdbx_description
1 polymer 'MULTIDRUG RESISTANCE-ASSOCIATED PROTEIN 1'
2 non-polymer 'SULFATE ION'
3 water water
#
_entity_poly.entity_id   1
_entity_poly.type   'polypeptide(L)'
_entity_poly.pdbx_seq_one_letter_code
;MARIHHHHHHGSDSIERRPVKDGGGTNSITVRNATFTWARSDPPTLNGITFSIPEGALVAVVGQVGCGKSSLLSALLAEM
DKVEGHVAIKGSVAYVPQQAWIQNDSLRENILFGCQLEEPYYRSVIQACALLPDLEILPSGDRTEIGEKGVNLSGGQKQR
VSLARAVYSNADIYLFDDPLSAVDAHVGKHIFENVIGPKGMLKNKTRILVTHSMSYLPQVDVIIVMSGGKISEMGSYQEL
LARDGAFAEFLRTYASTEQEQDAEEN
;
_entity_poly.pdbx_strand_id   A
#
# COMPACT_ATOMS: atom_id res chain seq x y z
N THR A 26 8.87 -18.65 -7.49
CA THR A 26 9.86 -17.59 -7.36
C THR A 26 9.39 -16.47 -6.44
N ASN A 27 10.34 -15.72 -5.89
CA ASN A 27 10.05 -14.61 -4.97
C ASN A 27 10.29 -13.26 -5.63
N SER A 28 9.34 -12.34 -5.47
CA SER A 28 9.49 -11.01 -6.05
C SER A 28 10.23 -10.09 -5.09
N ILE A 29 10.16 -10.40 -3.80
CA ILE A 29 10.91 -9.65 -2.79
C ILE A 29 11.64 -10.63 -1.87
N THR A 30 12.94 -10.42 -1.71
CA THR A 30 13.79 -11.24 -0.84
C THR A 30 14.64 -10.32 0.03
N VAL A 31 14.40 -10.37 1.33
CA VAL A 31 15.17 -9.57 2.29
C VAL A 31 15.86 -10.51 3.28
N ARG A 32 17.17 -10.36 3.46
CA ARG A 32 17.89 -11.24 4.39
C ARG A 32 18.72 -10.46 5.38
N ASN A 33 18.50 -10.73 6.66
CA ASN A 33 19.24 -10.14 7.76
C ASN A 33 19.57 -8.67 7.53
N ALA A 34 18.54 -7.91 7.16
CA ALA A 34 18.72 -6.53 6.74
C ALA A 34 18.42 -5.53 7.85
N THR A 35 19.32 -4.57 8.01
CA THR A 35 19.16 -3.49 8.99
C THR A 35 19.20 -2.12 8.31
N PHE A 36 18.24 -1.25 8.69
CA PHE A 36 18.10 0.07 8.08
C PHE A 36 18.00 1.19 9.12
N THR A 37 18.59 2.35 8.79
CA THR A 37 18.43 3.53 9.62
C THR A 37 17.99 4.70 8.76
N TRP A 38 17.42 5.73 9.37
CA TRP A 38 17.06 6.93 8.60
C TRP A 38 18.26 7.85 8.43
N ALA A 39 19.25 7.69 9.30
CA ALA A 39 20.45 8.52 9.30
C ALA A 39 21.63 7.80 9.95
N ARG A 40 22.80 7.89 9.33
CA ARG A 40 23.99 7.20 9.81
C ARG A 40 24.33 7.50 11.28
N SER A 41 23.96 8.70 11.73
CA SER A 41 24.19 9.11 13.12
C SER A 41 23.24 8.41 14.08
N ASP A 42 22.09 8.00 13.55
CA ASP A 42 20.98 7.48 14.36
C ASP A 42 20.98 5.96 14.49
N PRO A 43 20.50 5.47 15.64
CA PRO A 43 20.24 4.03 15.82
C PRO A 43 19.30 3.50 14.76
N PRO A 44 19.58 2.30 14.22
CA PRO A 44 18.74 1.66 13.19
C PRO A 44 17.30 1.54 13.66
N THR A 45 16.39 1.62 12.69
CA THR A 45 14.96 1.65 12.92
C THR A 45 14.38 0.27 12.61
N LEU A 46 15.09 -0.47 11.76
CA LEU A 46 14.67 -1.81 11.39
C LEU A 46 15.90 -2.66 11.59
N ASN A 47 15.76 -3.74 12.35
CA ASN A 47 16.89 -4.54 12.78
C ASN A 47 16.76 -6.00 12.33
N GLY A 48 17.79 -6.51 11.64
CA GLY A 48 17.81 -7.90 11.20
C GLY A 48 16.55 -8.40 10.49
N ILE A 49 16.00 -7.61 9.58
CA ILE A 49 14.80 -8.04 8.86
C ILE A 49 15.12 -9.19 7.89
N THR A 50 14.41 -10.30 8.03
CA THR A 50 14.49 -11.42 7.07
C THR A 50 13.08 -11.94 6.71
N PHE A 51 12.75 -11.88 5.43
CA PHE A 51 11.51 -12.47 4.91
C PHE A 51 11.60 -12.62 3.39
N SER A 52 10.77 -13.48 2.82
CA SER A 52 10.64 -13.59 1.36
C SER A 52 9.17 -13.58 0.96
N ILE A 53 8.86 -12.91 -0.15
CA ILE A 53 7.48 -12.76 -0.59
C ILE A 53 7.33 -13.40 -1.95
N PRO A 54 6.48 -14.42 -2.07
CA PRO A 54 6.30 -15.07 -3.39
C PRO A 54 5.71 -14.10 -4.39
N GLU A 55 6.13 -14.19 -5.64
CA GLU A 55 5.54 -13.40 -6.70
C GLU A 55 4.01 -13.60 -6.72
N GLY A 56 3.25 -12.51 -6.68
CA GLY A 56 1.80 -12.60 -6.75
C GLY A 56 1.09 -12.63 -5.41
N ALA A 57 1.86 -12.70 -4.33
CA ALA A 57 1.28 -12.76 -2.99
C ALA A 57 0.59 -11.47 -2.56
N LEU A 58 -0.44 -11.61 -1.71
CA LEU A 58 -1.06 -10.46 -1.06
C LEU A 58 -0.66 -10.56 0.42
N VAL A 59 0.02 -9.54 0.92
CA VAL A 59 0.65 -9.61 2.23
C VAL A 59 0.21 -8.42 3.07
N ALA A 60 -0.16 -8.64 4.33
CA ALA A 60 -0.42 -7.50 5.21
C ALA A 60 0.73 -7.37 6.21
N VAL A 61 1.04 -6.15 6.62
CA VAL A 61 2.11 -5.91 7.60
C VAL A 61 1.42 -5.06 8.66
N VAL A 62 1.36 -5.57 9.88
CA VAL A 62 0.57 -4.97 10.94
C VAL A 62 1.43 -4.82 12.19
N GLY A 63 0.97 -4.01 13.14
CA GLY A 63 1.63 -3.86 14.43
C GLY A 63 1.28 -2.49 14.98
N GLN A 64 1.71 -2.22 16.21
CA GLN A 64 1.46 -0.93 16.84
C GLN A 64 2.03 0.23 16.03
N VAL A 65 1.47 1.42 16.26
CA VAL A 65 2.04 2.62 15.66
C VAL A 65 3.50 2.73 16.08
N GLY A 66 4.39 2.98 15.12
CA GLY A 66 5.80 3.15 15.50
C GLY A 66 6.57 1.85 15.44
N CYS A 67 5.91 0.76 15.02
CA CYS A 67 6.56 -0.55 15.03
C CYS A 67 7.53 -0.75 13.85
N GLY A 68 7.51 0.16 12.88
CA GLY A 68 8.46 0.12 11.79
C GLY A 68 7.83 -0.35 10.50
N LYS A 69 6.51 -0.57 10.54
CA LYS A 69 5.84 -1.12 9.36
C LYS A 69 5.81 -0.16 8.16
N SER A 70 5.65 1.14 8.41
CA SER A 70 5.70 2.10 7.29
C SER A 70 7.13 2.24 6.79
N SER A 71 8.09 2.19 7.72
CA SER A 71 9.47 2.35 7.34
C SER A 71 9.91 1.18 6.49
N LEU A 72 9.27 0.03 6.72
CA LEU A 72 9.60 -1.16 5.93
C LEU A 72 9.42 -0.89 4.45
N LEU A 73 8.35 -0.18 4.09
CA LEU A 73 8.09 0.13 2.68
C LEU A 73 9.16 1.09 2.19
N SER A 74 9.48 2.08 3.02
CA SER A 74 10.51 3.04 2.64
C SER A 74 11.82 2.31 2.40
N ALA A 75 12.09 1.29 3.19
CA ALA A 75 13.38 0.59 3.08
C ALA A 75 13.45 -0.12 1.72
N LEU A 76 12.35 -0.77 1.34
CA LEU A 76 12.24 -1.45 0.05
C LEU A 76 12.34 -0.48 -1.12
N LEU A 77 11.91 0.77 -0.92
CA LEU A 77 12.04 1.78 -1.97
C LEU A 77 13.44 2.42 -1.97
N ALA A 78 14.33 1.86 -1.14
CA ALA A 78 15.68 2.38 -0.97
C ALA A 78 15.66 3.82 -0.48
N GLU A 79 14.74 4.14 0.42
CA GLU A 79 14.67 5.50 0.95
C GLU A 79 15.28 5.63 2.35
N MET A 80 15.84 4.53 2.85
CA MET A 80 16.61 4.57 4.10
C MET A 80 18.04 4.14 3.80
N ASP A 81 18.89 4.18 4.79
CA ASP A 81 20.26 3.70 4.63
C ASP A 81 20.30 2.25 5.01
N LYS A 82 20.67 1.37 4.09
CA LYS A 82 20.88 -0.01 4.50
C LYS A 82 22.24 -0.09 5.21
N VAL A 83 22.25 -0.73 6.38
CA VAL A 83 23.47 -0.87 7.17
C VAL A 83 24.09 -2.24 6.92
N GLU A 84 23.25 -3.27 6.88
CA GLU A 84 23.70 -4.60 6.51
C GLU A 84 22.55 -5.38 5.89
N GLY A 85 22.88 -6.45 5.20
CA GLY A 85 21.86 -7.34 4.68
C GLY A 85 21.74 -7.32 3.17
N HIS A 86 20.78 -8.11 2.70
CA HIS A 86 20.56 -8.31 1.28
C HIS A 86 19.11 -7.94 1.04
N VAL A 87 18.87 -7.18 -0.02
CA VAL A 87 17.52 -6.88 -0.46
C VAL A 87 17.52 -7.14 -1.95
N ALA A 88 16.59 -7.97 -2.40
CA ALA A 88 16.43 -8.18 -3.83
C ALA A 88 14.97 -7.99 -4.20
N ILE A 89 14.73 -7.11 -5.17
CA ILE A 89 13.37 -6.79 -5.64
C ILE A 89 13.25 -7.17 -7.12
N LYS A 90 12.31 -8.05 -7.45
CA LYS A 90 12.07 -8.44 -8.85
C LYS A 90 10.84 -7.72 -9.42
N GLY A 91 11.08 -6.75 -10.29
CA GLY A 91 10.00 -6.04 -10.94
C GLY A 91 9.88 -4.58 -10.56
N SER A 92 9.06 -3.86 -11.30
CA SER A 92 8.81 -2.45 -11.03
C SER A 92 7.92 -2.34 -9.81
N VAL A 93 8.04 -1.22 -9.12
CA VAL A 93 7.36 -0.99 -7.85
C VAL A 93 6.53 0.28 -7.90
N ALA A 94 5.28 0.19 -7.43
CA ALA A 94 4.45 1.37 -7.25
C ALA A 94 4.19 1.49 -5.76
N TYR A 95 4.03 2.73 -5.31
CA TYR A 95 3.87 3.02 -3.90
C TYR A 95 2.60 3.83 -3.75
N VAL A 96 1.80 3.48 -2.76
CA VAL A 96 0.58 4.21 -2.49
C VAL A 96 0.62 4.59 -1.02
N PRO A 97 1.07 5.81 -0.72
CA PRO A 97 1.27 6.26 0.66
C PRO A 97 -0.04 6.71 1.30
N GLN A 98 -0.05 6.75 2.62
CA GLN A 98 -1.24 7.19 3.34
C GLN A 98 -1.56 8.63 2.95
N GLN A 99 -0.56 9.51 3.07
CA GLN A 99 -0.71 10.91 2.73
C GLN A 99 -0.72 11.09 1.24
N ALA A 100 -1.86 10.78 0.62
CA ALA A 100 -2.00 10.91 -0.82
C ALA A 100 -1.60 12.30 -1.25
N TRP A 101 -0.81 12.37 -2.31
CA TRP A 101 -0.49 13.67 -2.85
C TRP A 101 -0.92 13.82 -4.31
N ILE A 102 -1.07 15.08 -4.71
CA ILE A 102 -1.69 15.49 -5.95
C ILE A 102 -0.81 16.56 -6.57
N GLN A 103 -0.53 16.45 -7.87
CA GLN A 103 0.19 17.52 -8.56
C GLN A 103 -0.81 18.58 -9.05
N ASN A 104 -0.37 19.83 -9.12
CA ASN A 104 -1.22 20.91 -9.60
C ASN A 104 -1.47 20.76 -11.09
N ASP A 105 -2.44 19.92 -11.43
CA ASP A 105 -2.75 19.62 -12.83
C ASP A 105 -4.16 19.01 -12.89
N SER A 106 -4.63 18.63 -14.08
CA SER A 106 -5.94 17.98 -14.20
C SER A 106 -5.96 16.64 -13.45
N LEU A 107 -7.14 16.23 -13.03
CA LEU A 107 -7.30 14.95 -12.37
C LEU A 107 -6.78 13.84 -13.28
N ARG A 108 -7.13 13.93 -14.55
CA ARG A 108 -6.70 12.95 -15.54
C ARG A 108 -5.18 12.86 -15.58
N GLU A 109 -4.51 14.00 -15.63
CA GLU A 109 -3.06 14.02 -15.71
C GLU A 109 -2.41 13.47 -14.43
N ASN A 110 -3.11 13.62 -13.31
CA ASN A 110 -2.63 13.09 -12.04
C ASN A 110 -2.63 11.57 -12.01
N ILE A 111 -3.48 10.99 -12.84
CA ILE A 111 -3.59 9.54 -12.93
C ILE A 111 -2.66 9.04 -14.02
N LEU A 112 -2.76 9.64 -15.20
CA LEU A 112 -1.95 9.24 -16.36
C LEU A 112 -0.46 9.31 -16.05
N PHE A 113 -0.07 10.39 -15.38
CA PHE A 113 1.29 10.57 -14.90
C PHE A 113 2.38 10.17 -15.89
N GLY A 114 2.44 10.88 -17.01
CA GLY A 114 3.44 10.58 -18.03
C GLY A 114 2.93 9.58 -19.07
N CYS A 115 2.33 8.49 -18.61
CA CYS A 115 1.84 7.45 -19.51
C CYS A 115 0.78 8.02 -20.48
N GLN A 116 0.61 7.38 -21.62
CA GLN A 116 -0.43 7.79 -22.56
C GLN A 116 -1.77 7.19 -22.18
N LEU A 117 -2.84 7.95 -22.43
CA LEU A 117 -4.20 7.49 -22.15
C LEU A 117 -4.51 6.26 -23.00
N GLU A 118 -4.93 5.18 -22.35
CA GLU A 118 -5.28 3.97 -23.08
C GLU A 118 -6.59 3.40 -22.60
N GLU A 119 -7.54 3.25 -23.52
CA GLU A 119 -8.84 2.71 -23.18
C GLU A 119 -8.94 1.27 -23.67
N PRO A 120 -9.68 0.43 -22.94
CA PRO A 120 -10.51 0.76 -21.78
C PRO A 120 -9.79 0.66 -20.44
N TYR A 121 -8.46 0.61 -20.44
CA TYR A 121 -7.74 0.45 -19.18
C TYR A 121 -7.97 1.65 -18.27
N TYR A 122 -7.94 2.85 -18.85
CA TYR A 122 -8.13 4.08 -18.07
C TYR A 122 -9.49 4.07 -17.35
N ARG A 123 -10.57 3.84 -18.09
CA ARG A 123 -11.87 3.90 -17.46
C ARG A 123 -12.09 2.73 -16.50
N SER A 124 -11.43 1.61 -16.77
CA SER A 124 -11.47 0.49 -15.82
C SER A 124 -10.86 0.92 -14.50
N VAL A 125 -9.75 1.65 -14.57
CA VAL A 125 -9.10 2.10 -13.34
C VAL A 125 -9.97 3.12 -12.61
N ILE A 126 -10.56 4.03 -13.38
CA ILE A 126 -11.43 5.07 -12.82
C ILE A 126 -12.58 4.42 -12.04
N GLN A 127 -13.22 3.45 -12.67
CA GLN A 127 -14.38 2.80 -12.08
C GLN A 127 -13.97 2.03 -10.83
N ALA A 128 -12.89 1.26 -10.91
CA ALA A 128 -12.46 0.39 -9.81
C ALA A 128 -12.01 1.17 -8.59
N CYS A 129 -11.40 2.33 -8.82
CA CYS A 129 -10.96 3.15 -7.71
C CYS A 129 -12.08 4.04 -7.17
N ALA A 130 -13.31 3.73 -7.61
CA ALA A 130 -14.52 4.45 -7.18
C ALA A 130 -14.49 5.96 -7.42
N LEU A 131 -13.89 6.38 -8.52
CA LEU A 131 -13.83 7.81 -8.88
C LEU A 131 -15.05 8.35 -9.64
N LEU A 132 -15.86 7.47 -10.22
CA LEU A 132 -17.00 7.94 -11.02
C LEU A 132 -17.88 8.95 -10.28
N PRO A 133 -18.23 8.68 -9.00
CA PRO A 133 -19.11 9.64 -8.33
C PRO A 133 -18.37 10.95 -8.09
N ASP A 134 -17.05 10.88 -7.96
CA ASP A 134 -16.29 12.12 -7.85
C ASP A 134 -16.32 12.89 -9.17
N LEU A 135 -16.02 12.23 -10.28
CA LEU A 135 -16.00 12.92 -11.58
C LEU A 135 -17.32 13.60 -11.87
N GLU A 136 -18.39 12.99 -11.39
CA GLU A 136 -19.74 13.44 -11.77
C GLU A 136 -20.08 14.80 -11.12
N ILE A 137 -19.32 15.20 -10.11
CA ILE A 137 -19.60 16.49 -9.47
C ILE A 137 -18.47 17.52 -9.63
N LEU A 138 -17.47 17.17 -10.42
CA LEU A 138 -16.38 18.10 -10.76
C LEU A 138 -16.77 18.93 -11.99
N PRO A 139 -16.34 20.21 -12.01
CA PRO A 139 -16.75 21.15 -13.06
C PRO A 139 -16.42 20.66 -14.47
N SER A 140 -15.37 19.85 -14.62
CA SER A 140 -14.95 19.38 -15.93
C SER A 140 -14.61 17.89 -15.95
N GLY A 141 -15.30 17.10 -15.14
CA GLY A 141 -15.02 15.67 -15.05
C GLY A 141 -13.54 15.50 -14.74
N ASP A 142 -12.87 14.52 -15.36
CA ASP A 142 -11.45 14.28 -15.08
C ASP A 142 -10.53 15.34 -15.68
N ARG A 143 -11.09 16.32 -16.38
CA ARG A 143 -10.25 17.40 -16.91
C ARG A 143 -10.13 18.53 -15.90
N THR A 144 -10.87 18.40 -14.80
CA THR A 144 -10.89 19.41 -13.76
C THR A 144 -9.48 19.60 -13.19
N GLU A 145 -9.04 20.85 -13.06
CA GLU A 145 -7.79 21.13 -12.34
C GLU A 145 -7.98 20.89 -10.84
N ILE A 146 -7.12 20.05 -10.25
CA ILE A 146 -7.15 19.78 -8.81
C ILE A 146 -5.83 20.24 -8.19
N GLY A 147 -5.76 20.26 -6.86
CA GLY A 147 -4.59 20.76 -6.14
C GLY A 147 -4.74 22.21 -5.74
N GLU A 148 -3.65 22.82 -5.29
CA GLU A 148 -3.60 24.29 -5.22
C GLU A 148 -3.84 24.74 -6.64
N LYS A 149 -4.37 25.95 -6.83
CA LYS A 149 -4.74 26.46 -8.16
C LYS A 149 -6.02 25.79 -8.71
N GLY A 150 -6.43 24.68 -8.10
CA GLY A 150 -7.60 23.96 -8.60
C GLY A 150 -8.69 23.74 -7.57
N VAL A 151 -9.47 22.68 -7.81
CA VAL A 151 -10.55 22.26 -6.92
C VAL A 151 -10.01 21.58 -5.68
N ASN A 152 -10.62 21.87 -4.52
CA ASN A 152 -10.21 21.25 -3.27
C ASN A 152 -10.77 19.84 -3.11
N LEU A 153 -9.91 18.84 -3.24
CA LEU A 153 -10.31 17.46 -3.05
C LEU A 153 -10.18 17.08 -1.58
N SER A 154 -11.08 16.21 -1.11
CA SER A 154 -10.96 15.67 0.24
C SER A 154 -9.84 14.64 0.30
N GLY A 155 -9.37 14.32 1.50
CA GLY A 155 -8.36 13.29 1.69
C GLY A 155 -8.74 11.96 1.04
N GLY A 156 -10.01 11.57 1.20
CA GLY A 156 -10.51 10.36 0.55
C GLY A 156 -10.49 10.44 -0.97
N GLN A 157 -10.94 11.58 -1.51
CA GLN A 157 -10.79 11.85 -2.94
C GLN A 157 -9.31 11.81 -3.37
N LYS A 158 -8.43 12.42 -2.58
CA LYS A 158 -7.01 12.37 -2.91
C LYS A 158 -6.46 10.94 -2.92
N GLN A 159 -6.89 10.10 -1.98
CA GLN A 159 -6.43 8.71 -1.98
C GLN A 159 -6.93 7.90 -3.17
N ARG A 160 -8.15 8.22 -3.63
CA ARG A 160 -8.66 7.50 -4.79
C ARG A 160 -7.85 7.88 -6.01
N VAL A 161 -7.52 9.16 -6.15
CA VAL A 161 -6.72 9.62 -7.28
C VAL A 161 -5.33 9.01 -7.23
N SER A 162 -4.71 9.07 -6.05
CA SER A 162 -3.37 8.49 -5.86
C SER A 162 -3.31 6.97 -6.12
N LEU A 163 -4.33 6.25 -5.67
CA LEU A 163 -4.42 4.82 -5.95
C LEU A 163 -4.62 4.60 -7.45
N ALA A 164 -5.46 5.41 -8.07
CA ALA A 164 -5.69 5.29 -9.51
C ALA A 164 -4.39 5.52 -10.28
N ARG A 165 -3.60 6.48 -9.84
CA ARG A 165 -2.30 6.73 -10.47
C ARG A 165 -1.40 5.49 -10.42
N ALA A 166 -1.34 4.83 -9.27
CA ALA A 166 -0.50 3.65 -9.10
C ALA A 166 -1.04 2.50 -9.93
N VAL A 167 -2.35 2.28 -9.86
CA VAL A 167 -2.93 1.17 -10.59
C VAL A 167 -2.69 1.38 -12.08
N TYR A 168 -2.83 2.63 -12.54
CA TYR A 168 -2.64 2.88 -13.98
C TYR A 168 -1.21 2.63 -14.43
N SER A 169 -0.23 2.84 -13.55
CA SER A 169 1.17 2.57 -13.92
C SER A 169 1.39 1.07 -14.19
N ASN A 170 0.49 0.24 -13.69
CA ASN A 170 0.55 -1.22 -13.90
C ASN A 170 1.88 -1.82 -13.50
N ALA A 171 2.33 -1.56 -12.26
CA ALA A 171 3.61 -2.12 -11.80
C ALA A 171 3.48 -3.60 -11.42
N ASP A 172 4.62 -4.25 -11.19
CA ASP A 172 4.62 -5.65 -10.77
C ASP A 172 4.37 -5.81 -9.28
N ILE A 173 4.82 -4.81 -8.52
CA ILE A 173 4.79 -4.84 -7.06
C ILE A 173 4.13 -3.57 -6.57
N TYR A 174 3.17 -3.73 -5.67
CA TYR A 174 2.47 -2.59 -5.11
C TYR A 174 2.74 -2.53 -3.63
N LEU A 175 3.20 -1.37 -3.17
CA LEU A 175 3.41 -1.17 -1.74
C LEU A 175 2.38 -0.18 -1.27
N PHE A 176 1.48 -0.63 -0.40
CA PHE A 176 0.40 0.23 0.11
C PHE A 176 0.63 0.57 1.58
N ASP A 177 0.57 1.84 1.93
CA ASP A 177 0.66 2.24 3.32
C ASP A 177 -0.69 2.82 3.76
N ASP A 178 -1.55 1.98 4.33
CA ASP A 178 -2.87 2.41 4.80
C ASP A 178 -3.54 3.35 3.79
N PRO A 179 -3.63 2.92 2.52
CA PRO A 179 -3.90 3.83 1.40
C PRO A 179 -5.35 4.32 1.35
N LEU A 180 -6.22 3.76 2.18
CA LEU A 180 -7.64 4.11 2.18
C LEU A 180 -8.10 4.55 3.57
N SER A 181 -7.20 5.12 4.37
CA SER A 181 -7.56 5.49 5.72
C SER A 181 -8.55 6.67 5.75
N ALA A 182 -8.54 7.49 4.70
CA ALA A 182 -9.45 8.66 4.66
C ALA A 182 -10.71 8.41 3.82
N VAL A 183 -10.86 7.19 3.32
CA VAL A 183 -12.00 6.85 2.48
C VAL A 183 -13.14 6.28 3.32
N ASP A 184 -14.37 6.70 2.99
CA ASP A 184 -15.58 6.07 3.53
C ASP A 184 -15.42 4.55 3.58
N ALA A 185 -15.87 3.94 4.67
CA ALA A 185 -15.73 2.49 4.85
C ALA A 185 -16.44 1.63 3.79
N HIS A 186 -17.63 2.03 3.34
CA HIS A 186 -18.32 1.27 2.28
C HIS A 186 -17.54 1.35 0.98
N VAL A 187 -17.13 2.56 0.61
CA VAL A 187 -16.33 2.74 -0.59
C VAL A 187 -15.00 2.00 -0.50
N GLY A 188 -14.35 2.04 0.67
CA GLY A 188 -13.07 1.36 0.84
C GLY A 188 -13.20 -0.15 0.65
N LYS A 189 -14.30 -0.71 1.12
CA LYS A 189 -14.60 -2.12 0.91
C LYS A 189 -14.61 -2.42 -0.58
N HIS A 190 -15.32 -1.57 -1.33
CA HIS A 190 -15.45 -1.79 -2.76
C HIS A 190 -14.12 -1.66 -3.46
N ILE A 191 -13.34 -0.68 -3.03
CA ILE A 191 -12.04 -0.47 -3.60
C ILE A 191 -11.12 -1.65 -3.30
N PHE A 192 -11.11 -2.12 -2.05
CA PHE A 192 -10.29 -3.29 -1.74
C PHE A 192 -10.71 -4.47 -2.63
N GLU A 193 -12.01 -4.71 -2.76
CA GLU A 193 -12.49 -5.85 -3.53
C GLU A 193 -12.17 -5.67 -5.00
N ASN A 194 -12.30 -4.44 -5.49
CA ASN A 194 -12.14 -4.22 -6.93
C ASN A 194 -10.69 -4.05 -7.39
N VAL A 195 -9.84 -3.62 -6.47
CA VAL A 195 -8.47 -3.30 -6.85
C VAL A 195 -7.44 -4.20 -6.14
N ILE A 196 -7.53 -4.30 -4.82
CA ILE A 196 -6.43 -4.87 -4.03
C ILE A 196 -6.53 -6.37 -3.79
N GLY A 197 -7.76 -6.84 -3.57
CA GLY A 197 -8.00 -8.19 -3.12
C GLY A 197 -7.87 -9.26 -4.18
N PRO A 198 -8.13 -10.52 -3.77
CA PRO A 198 -7.99 -11.73 -4.58
C PRO A 198 -8.67 -11.62 -5.93
N LYS A 199 -9.71 -10.80 -6.04
CA LYS A 199 -10.47 -10.69 -7.28
C LYS A 199 -10.35 -9.30 -7.90
N GLY A 200 -9.36 -8.52 -7.45
CA GLY A 200 -9.21 -7.18 -7.96
C GLY A 200 -8.42 -7.14 -9.25
N MET A 201 -8.30 -5.93 -9.81
CA MET A 201 -7.46 -5.70 -10.97
C MET A 201 -6.02 -6.08 -10.71
N LEU A 202 -5.56 -5.94 -9.46
CA LEU A 202 -4.16 -6.23 -9.10
C LEU A 202 -3.94 -7.66 -8.59
N LYS A 203 -4.88 -8.56 -8.84
CA LYS A 203 -4.82 -9.90 -8.24
C LYS A 203 -3.60 -10.73 -8.62
N ASN A 204 -2.95 -10.39 -9.74
CA ASN A 204 -1.73 -11.11 -10.10
C ASN A 204 -0.44 -10.39 -9.70
N LYS A 205 -0.56 -9.22 -9.09
CA LYS A 205 0.61 -8.46 -8.66
C LYS A 205 1.06 -8.87 -7.27
N THR A 206 2.31 -8.60 -6.96
CA THR A 206 2.72 -8.65 -5.57
C THR A 206 2.14 -7.41 -4.88
N ARG A 207 1.45 -7.61 -3.77
CA ARG A 207 0.85 -6.49 -3.05
C ARG A 207 1.24 -6.57 -1.59
N ILE A 208 1.83 -5.49 -1.08
CA ILE A 208 2.19 -5.44 0.35
C ILE A 208 1.34 -4.34 0.97
N LEU A 209 0.48 -4.70 1.92
CA LEU A 209 -0.46 -3.77 2.49
C LEU A 209 -0.09 -3.51 3.95
N VAL A 210 0.42 -2.33 4.25
CA VAL A 210 0.66 -1.95 5.64
C VAL A 210 -0.64 -1.41 6.18
N THR A 211 -1.08 -1.91 7.32
CA THR A 211 -2.36 -1.44 7.82
C THR A 211 -2.44 -1.64 9.31
N HIS A 212 -3.31 -0.88 9.95
CA HIS A 212 -3.50 -0.98 11.38
C HIS A 212 -4.91 -1.52 11.61
N SER A 213 -5.63 -1.68 10.50
CA SER A 213 -6.99 -2.20 10.51
C SER A 213 -7.03 -3.73 10.45
N MET A 214 -8.00 -4.35 11.13
CA MET A 214 -8.11 -5.80 11.09
C MET A 214 -9.05 -6.22 9.95
N SER A 215 -9.74 -5.26 9.36
CA SER A 215 -10.85 -5.54 8.45
C SER A 215 -10.59 -6.59 7.35
N TYR A 216 -9.47 -6.46 6.63
CA TYR A 216 -9.26 -7.32 5.46
C TYR A 216 -8.23 -8.41 5.70
N LEU A 217 -7.74 -8.52 6.94
CA LEU A 217 -6.71 -9.50 7.26
C LEU A 217 -7.11 -10.94 6.90
N PRO A 218 -8.37 -11.34 7.13
CA PRO A 218 -8.67 -12.72 6.74
C PRO A 218 -8.49 -12.99 5.23
N GLN A 219 -8.44 -11.95 4.41
CA GLN A 219 -8.33 -12.18 2.97
C GLN A 219 -6.90 -12.23 2.42
N VAL A 220 -5.90 -11.91 3.23
CA VAL A 220 -4.57 -11.82 2.65
C VAL A 220 -3.92 -13.19 2.69
N ASP A 221 -2.86 -13.38 1.92
CA ASP A 221 -2.17 -14.67 1.92
C ASP A 221 -1.28 -14.81 3.16
N VAL A 222 -0.56 -13.76 3.50
CA VAL A 222 0.33 -13.85 4.67
C VAL A 222 0.35 -12.53 5.44
N ILE A 223 0.47 -12.64 6.76
CA ILE A 223 0.50 -11.47 7.61
C ILE A 223 1.90 -11.42 8.24
N ILE A 224 2.49 -10.23 8.26
CA ILE A 224 3.80 -10.04 8.92
C ILE A 224 3.52 -9.13 10.08
N VAL A 225 3.84 -9.58 11.29
CA VAL A 225 3.56 -8.78 12.49
C VAL A 225 4.86 -8.15 12.95
N MET A 226 4.89 -6.84 13.12
CA MET A 226 6.14 -6.20 13.52
C MET A 226 6.00 -5.57 14.88
N SER A 227 7.13 -5.48 15.58
CA SER A 227 7.21 -4.78 16.83
C SER A 227 8.66 -4.37 17.05
N GLY A 228 8.88 -3.12 17.44
CA GLY A 228 10.22 -2.64 17.75
C GLY A 228 11.16 -2.76 16.54
N GLY A 229 10.62 -2.60 15.33
CA GLY A 229 11.44 -2.65 14.14
C GLY A 229 11.96 -4.03 13.77
N LYS A 230 11.27 -5.05 14.27
CA LYS A 230 11.63 -6.43 13.98
C LYS A 230 10.37 -7.16 13.62
N ILE A 231 10.50 -8.32 12.97
CA ILE A 231 9.34 -9.15 12.68
C ILE A 231 9.07 -10.11 13.84
N SER A 232 7.91 -9.99 14.49
CA SER A 232 7.54 -10.91 15.58
C SER A 232 7.11 -12.27 15.06
N GLU A 233 6.24 -12.26 14.05
CA GLU A 233 5.76 -13.51 13.46
C GLU A 233 5.18 -13.29 12.07
N MET A 234 5.02 -14.38 11.32
CA MET A 234 4.55 -14.34 9.95
C MET A 234 3.76 -15.59 9.76
N GLY A 235 2.58 -15.47 9.19
CA GLY A 235 1.77 -16.63 8.85
C GLY A 235 0.44 -16.15 8.30
N SER A 236 -0.46 -17.07 7.95
CA SER A 236 -1.78 -16.63 7.51
C SER A 236 -2.53 -16.17 8.73
N TYR A 237 -3.67 -15.54 8.47
CA TYR A 237 -4.52 -15.06 9.52
C TYR A 237 -4.95 -16.20 10.44
N GLN A 238 -5.36 -17.33 9.84
CA GLN A 238 -5.85 -18.45 10.64
C GLN A 238 -4.74 -19.09 11.44
N GLU A 239 -3.56 -19.19 10.84
CA GLU A 239 -2.40 -19.77 11.54
C GLU A 239 -2.03 -18.89 12.73
N LEU A 240 -1.85 -17.59 12.48
CA LEU A 240 -1.40 -16.68 13.53
C LEU A 240 -2.44 -16.56 14.64
N LEU A 241 -3.71 -16.67 14.25
CA LEU A 241 -4.79 -16.46 15.19
C LEU A 241 -4.84 -17.62 16.14
N ALA A 242 -4.60 -18.82 15.63
CA ALA A 242 -4.58 -19.99 16.50
C ALA A 242 -3.31 -20.07 17.37
N ARG A 243 -2.21 -19.49 16.90
CA ARG A 243 -0.97 -19.51 17.68
C ARG A 243 -1.13 -18.80 19.01
N ASP A 244 -2.05 -17.82 19.04
CA ASP A 244 -2.36 -17.07 20.25
C ASP A 244 -1.14 -16.32 20.81
N GLY A 245 -0.29 -15.78 19.93
CA GLY A 245 0.83 -14.96 20.34
C GLY A 245 0.69 -13.48 19.94
N ALA A 246 1.70 -12.95 19.26
CA ALA A 246 1.76 -11.51 18.96
C ALA A 246 0.57 -11.00 18.13
N PHE A 247 0.20 -11.74 17.10
CA PHE A 247 -0.87 -11.28 16.24
C PHE A 247 -2.18 -11.30 17.01
N ALA A 248 -2.39 -12.36 17.77
CA ALA A 248 -3.61 -12.48 18.55
C ALA A 248 -3.76 -11.32 19.53
N GLU A 249 -2.68 -10.98 20.23
CA GLU A 249 -2.67 -9.83 21.14
C GLU A 249 -3.09 -8.57 20.40
N PHE A 250 -2.44 -8.37 19.26
CA PHE A 250 -2.59 -7.17 18.48
C PHE A 250 -4.07 -7.04 18.08
N LEU A 251 -4.64 -8.10 17.51
CA LEU A 251 -6.05 -8.11 17.16
C LEU A 251 -6.92 -7.75 18.37
N ARG A 252 -6.54 -8.28 19.54
CA ARG A 252 -7.35 -8.14 20.75
C ARG A 252 -7.33 -6.72 21.29
N THR A 253 -6.16 -6.09 21.20
CA THR A 253 -5.89 -4.93 22.04
C THR A 253 -5.62 -3.64 21.27
N TYR A 254 -4.94 -3.77 20.13
CA TYR A 254 -4.43 -2.61 19.42
C TYR A 254 -5.10 -2.33 18.06
N ALA A 255 -5.50 -3.39 17.36
CA ALA A 255 -6.00 -3.24 15.99
C ALA A 255 -7.21 -2.34 15.91
N SER A 256 -7.30 -1.56 14.84
CA SER A 256 -8.53 -0.83 14.51
C SER A 256 -9.33 -1.58 13.45
#